data_1TVT
#
_entry.id   1TVT
#
_cell.length_a   1.000
_cell.length_b   1.000
_cell.length_c   1.000
_cell.angle_alpha   90.00
_cell.angle_beta   90.00
_cell.angle_gamma   90.00
#
_symmetry.space_group_name_H-M   'P 1'
#
_entity_poly.entity_id   1
_entity_poly.type   'polypeptide(L)'
_entity_poly.pdbx_seq_one_letter_code
;LEDRRIPGTAEENLQKSSGGVPGQNTGGQEARPNYHCQLCFLRSLGIDYLDASLRKKNKQRLKAIQQGRQPQYLL
;
_entity_poly.pdbx_strand_id   A
#
# COMPACT_ATOMS: atom_id res chain seq x y z
N LEU A 1 -4.69 2.58 15.63
CA LEU A 1 -3.77 3.05 14.54
C LEU A 1 -3.44 1.87 13.63
N GLU A 2 -3.93 1.87 12.41
CA GLU A 2 -3.70 0.74 11.45
C GLU A 2 -3.31 1.32 10.06
N ASP A 3 -3.35 0.51 9.01
CA ASP A 3 -3.01 0.98 7.65
C ASP A 3 -4.23 1.73 7.04
N ARG A 4 -4.18 2.02 5.75
CA ARG A 4 -5.29 2.73 4.99
C ARG A 4 -5.41 4.23 5.38
N ARG A 5 -5.50 4.56 6.65
CA ARG A 5 -5.64 5.99 7.10
C ARG A 5 -4.53 6.33 8.12
N ILE A 6 -3.32 5.89 7.85
CA ILE A 6 -2.16 6.18 8.77
C ILE A 6 -1.66 7.64 8.55
N PRO A 7 -1.49 8.01 7.28
CA PRO A 7 -1.05 9.42 6.96
C PRO A 7 -2.26 10.37 6.74
N GLY A 8 -3.38 10.11 7.40
CA GLY A 8 -4.62 10.97 7.22
C GLY A 8 -5.15 10.89 5.78
N THR A 9 -4.84 9.83 5.04
CA THR A 9 -5.32 9.69 3.62
C THR A 9 -6.72 9.08 3.55
N ALA A 10 -7.08 8.24 4.52
CA ALA A 10 -8.44 7.57 4.55
C ALA A 10 -8.66 6.77 3.24
N GLU A 11 -7.91 5.68 3.09
CA GLU A 11 -8.00 4.82 1.85
C GLU A 11 -7.80 5.71 0.59
N GLU A 12 -6.82 6.61 0.65
CA GLU A 12 -6.51 7.55 -0.49
C GLU A 12 -7.80 8.24 -1.00
N ASN A 13 -8.54 8.88 -0.10
CA ASN A 13 -9.83 9.59 -0.48
C ASN A 13 -9.62 10.62 -1.62
N LEU A 14 -8.44 11.18 -1.68
CA LEU A 14 -8.07 12.15 -2.77
C LEU A 14 -6.64 11.85 -3.27
N GLN A 15 -5.66 11.77 -2.37
CA GLN A 15 -4.22 11.49 -2.73
C GLN A 15 -3.32 11.68 -1.47
N LYS A 16 -2.16 11.04 -1.43
CA LYS A 16 -1.26 11.21 -0.24
C LYS A 16 -0.58 12.59 -0.28
N SER A 17 0.22 12.86 -1.29
CA SER A 17 0.91 14.20 -1.42
C SER A 17 1.14 14.53 -2.91
N SER A 18 0.85 15.75 -3.32
CA SER A 18 1.02 16.17 -4.76
C SER A 18 1.22 17.70 -4.87
N GLY A 19 0.25 18.50 -4.44
CA GLY A 19 0.35 19.99 -4.52
C GLY A 19 1.41 20.49 -3.52
N GLY A 20 2.50 21.04 -4.02
CA GLY A 20 3.60 21.53 -3.12
C GLY A 20 4.72 20.47 -3.03
N VAL A 21 4.35 19.19 -2.93
CA VAL A 21 5.37 18.09 -2.86
C VAL A 21 4.65 16.73 -3.12
N PRO A 22 5.02 16.11 -4.23
CA PRO A 22 4.40 14.79 -4.55
C PRO A 22 5.37 13.66 -4.14
N GLY A 23 6.52 13.59 -4.77
CA GLY A 23 7.54 12.55 -4.40
C GLY A 23 7.16 11.23 -5.06
N GLN A 24 7.56 11.05 -6.32
CA GLN A 24 7.26 9.76 -7.05
C GLN A 24 7.65 8.54 -6.21
N ASN A 25 8.80 8.62 -5.61
CA ASN A 25 9.31 7.52 -4.69
C ASN A 25 8.28 7.24 -3.56
N THR A 26 7.78 8.28 -2.92
CA THR A 26 6.74 8.10 -1.83
C THR A 26 5.37 7.69 -2.42
N GLY A 27 5.16 7.89 -3.70
CA GLY A 27 3.85 7.53 -4.36
C GLY A 27 3.27 8.79 -5.01
N GLY A 28 3.83 9.20 -6.13
CA GLY A 28 3.33 10.43 -6.84
C GLY A 28 2.34 10.03 -7.94
N GLN A 29 2.83 9.49 -9.03
CA GLN A 29 1.93 9.05 -10.15
C GLN A 29 1.79 7.52 -10.07
N GLU A 30 2.90 6.81 -10.07
CA GLU A 30 2.90 5.31 -9.94
C GLU A 30 2.29 4.87 -8.59
N ALA A 31 2.50 5.65 -7.52
CA ALA A 31 1.95 5.35 -6.13
C ALA A 31 2.66 4.17 -5.45
N ARG A 32 2.97 3.09 -6.15
CA ARG A 32 3.63 1.89 -5.53
C ARG A 32 5.16 1.72 -5.94
N PRO A 33 6.10 2.40 -5.22
CA PRO A 33 7.56 2.19 -5.57
C PRO A 33 8.51 2.04 -4.34
N ASN A 34 9.14 3.10 -3.82
CA ASN A 34 10.07 2.90 -2.63
C ASN A 34 9.64 3.59 -1.35
N TYR A 35 8.61 4.37 -1.41
CA TYR A 35 7.90 4.99 -0.23
C TYR A 35 8.20 4.21 1.12
N HIS A 36 8.02 2.92 1.02
CA HIS A 36 8.25 1.84 2.07
C HIS A 36 8.66 0.52 1.24
N CYS A 37 9.34 0.77 0.15
CA CYS A 37 9.79 -0.21 -0.94
C CYS A 37 8.78 -1.33 -1.23
N GLN A 38 7.54 -0.90 -1.38
CA GLN A 38 6.32 -1.74 -1.66
C GLN A 38 6.33 -3.01 -0.79
N LEU A 39 6.79 -2.86 0.43
CA LEU A 39 6.89 -3.99 1.42
C LEU A 39 6.82 -3.41 2.82
N CYS A 40 7.76 -2.50 3.08
CA CYS A 40 7.83 -1.78 4.36
C CYS A 40 6.41 -1.24 4.69
N PHE A 41 5.68 -0.80 3.64
CA PHE A 41 4.29 -0.25 3.72
C PHE A 41 4.11 0.57 5.03
N LEU A 42 2.91 0.69 5.60
CA LEU A 42 2.68 1.56 6.83
C LEU A 42 2.83 3.08 6.47
N ARG A 43 3.97 3.50 5.91
CA ARG A 43 4.20 4.95 5.55
C ARG A 43 3.99 5.17 4.02
N SER A 44 2.74 5.38 3.62
CA SER A 44 2.29 5.62 2.18
C SER A 44 1.03 4.74 2.00
N LEU A 45 1.08 3.64 1.22
CA LEU A 45 -0.06 2.70 1.14
C LEU A 45 -1.21 3.32 0.37
N GLY A 46 -1.29 2.95 -0.88
CA GLY A 46 -2.40 3.46 -1.77
C GLY A 46 -3.63 2.53 -1.68
N ILE A 47 -3.76 1.79 -0.59
CA ILE A 47 -4.86 0.79 -0.36
C ILE A 47 -4.52 0.08 0.99
N ASP A 48 -5.27 -0.94 1.36
CA ASP A 48 -4.88 -1.77 2.55
C ASP A 48 -3.80 -2.69 1.93
N TYR A 49 -2.56 -2.22 1.86
CA TYR A 49 -1.52 -3.00 1.14
C TYR A 49 -1.25 -4.34 1.77
N LEU A 50 -1.09 -4.44 3.08
CA LEU A 50 -0.72 -5.77 3.70
C LEU A 50 0.76 -6.00 3.33
N ASP A 51 1.00 -6.23 2.02
CA ASP A 51 2.31 -6.43 1.36
C ASP A 51 2.18 -7.70 0.48
N ALA A 52 1.79 -7.52 -0.78
CA ALA A 52 1.62 -8.71 -1.71
C ALA A 52 2.95 -9.00 -2.43
N SER A 53 4.00 -9.14 -1.68
CA SER A 53 5.34 -9.40 -2.22
C SER A 53 6.08 -10.21 -1.14
N LEU A 54 6.25 -9.59 0.01
CA LEU A 54 6.83 -10.28 1.19
C LEU A 54 5.66 -10.77 2.09
N ARG A 55 4.60 -9.96 2.22
CA ARG A 55 3.34 -10.25 3.04
C ARG A 55 3.61 -10.64 4.52
N LYS A 56 4.85 -10.79 4.97
CA LYS A 56 5.19 -11.21 6.37
C LYS A 56 4.71 -12.67 6.63
N LYS A 57 3.44 -12.97 6.44
CA LYS A 57 2.89 -14.35 6.63
C LYS A 57 1.39 -14.37 6.20
N ASN A 58 1.10 -14.03 4.96
CA ASN A 58 -0.34 -14.01 4.48
C ASN A 58 -0.50 -14.76 3.15
N LYS A 59 0.15 -14.29 2.07
CA LYS A 59 0.02 -14.98 0.72
C LYS A 59 0.67 -16.38 0.80
N GLN A 60 -0.14 -17.35 1.19
CA GLN A 60 0.26 -18.80 1.37
C GLN A 60 -0.79 -19.47 2.29
N ARG A 61 -1.21 -18.76 3.34
CA ARG A 61 -2.23 -19.26 4.32
C ARG A 61 -3.55 -19.68 3.62
N LEU A 62 -4.26 -18.76 3.00
CA LEU A 62 -5.56 -19.12 2.33
C LEU A 62 -5.28 -19.68 0.92
N LYS A 63 -6.05 -20.67 0.48
CA LYS A 63 -5.87 -21.26 -0.90
C LYS A 63 -6.54 -20.32 -1.93
N ALA A 64 -5.97 -19.13 -2.04
CA ALA A 64 -6.47 -18.05 -2.94
C ALA A 64 -5.64 -16.77 -2.64
N ILE A 65 -5.53 -16.41 -1.35
CA ILE A 65 -4.73 -15.21 -0.93
C ILE A 65 -3.25 -15.33 -1.40
N GLN A 66 -2.70 -16.55 -1.43
CA GLN A 66 -1.30 -16.75 -1.93
C GLN A 66 -1.12 -16.11 -3.34
N GLN A 67 -2.17 -16.15 -4.16
CA GLN A 67 -2.13 -15.51 -5.51
C GLN A 67 -2.77 -14.10 -5.40
N GLY A 68 -4.11 -13.99 -5.45
CA GLY A 68 -4.85 -12.66 -5.34
C GLY A 68 -4.26 -11.47 -6.16
N ARG A 69 -3.37 -11.69 -7.14
CA ARG A 69 -2.74 -10.55 -7.93
C ARG A 69 -2.13 -9.50 -6.97
N GLN A 70 -2.91 -8.56 -6.48
CA GLN A 70 -2.43 -7.56 -5.48
C GLN A 70 -2.64 -8.18 -4.05
N PRO A 71 -2.83 -7.35 -3.01
CA PRO A 71 -3.00 -7.96 -1.63
C PRO A 71 -4.41 -7.72 -1.04
N GLN A 72 -4.59 -6.77 -0.11
CA GLN A 72 -5.95 -6.49 0.45
C GLN A 72 -6.59 -5.33 -0.33
N TYR A 73 -5.81 -4.60 -1.14
CA TYR A 73 -6.32 -3.49 -2.00
C TYR A 73 -7.19 -2.50 -1.19
N LEU A 74 -8.07 -1.75 -1.83
CA LEU A 74 -8.92 -0.76 -1.11
C LEU A 74 -10.27 -1.40 -0.68
N LEU A 75 -10.28 -2.68 -0.37
CA LEU A 75 -11.54 -3.36 0.06
C LEU A 75 -11.47 -3.65 1.58
N LEU A 1 -3.87 -2.26 6.20
CA LEU A 1 -3.54 -1.58 4.91
C LEU A 1 -3.86 -0.07 5.05
N GLU A 2 -3.11 0.62 5.89
CA GLU A 2 -3.37 2.08 6.14
C GLU A 2 -2.35 2.96 5.39
N ASP A 3 -2.31 2.85 4.08
CA ASP A 3 -1.39 3.65 3.24
C ASP A 3 -2.21 4.32 2.11
N ARG A 4 -1.56 5.13 1.30
CA ARG A 4 -2.20 5.86 0.14
C ARG A 4 -3.40 6.74 0.60
N ARG A 5 -4.58 6.17 0.79
CA ARG A 5 -5.79 6.97 1.23
C ARG A 5 -6.67 6.13 2.20
N ILE A 6 -6.05 5.33 3.09
CA ILE A 6 -6.78 4.50 4.09
C ILE A 6 -7.79 3.49 3.44
N PRO A 7 -7.50 2.15 3.59
CA PRO A 7 -8.41 1.10 3.01
C PRO A 7 -9.03 1.52 1.65
N GLY A 8 -10.32 1.30 1.46
CA GLY A 8 -10.98 1.74 0.19
C GLY A 8 -10.85 3.28 0.07
N THR A 9 -11.17 3.98 1.16
CA THR A 9 -11.04 5.49 1.21
C THR A 9 -11.43 6.02 2.61
N ALA A 10 -12.60 5.63 3.15
CA ALA A 10 -13.09 6.08 4.50
C ALA A 10 -13.34 7.62 4.50
N GLU A 11 -14.52 8.04 4.92
CA GLU A 11 -14.86 9.51 4.94
C GLU A 11 -14.24 10.19 6.19
N GLU A 12 -14.70 9.83 7.38
CA GLU A 12 -14.20 10.45 8.67
C GLU A 12 -12.65 10.65 8.74
N ASN A 13 -11.85 9.82 8.08
CA ASN A 13 -10.35 9.98 8.16
C ASN A 13 -9.81 11.11 7.25
N LEU A 14 -10.45 11.34 6.15
CA LEU A 14 -9.97 12.39 5.18
C LEU A 14 -11.05 13.44 4.83
N GLN A 15 -12.32 13.06 4.73
CA GLN A 15 -13.46 14.01 4.37
C GLN A 15 -13.34 14.41 2.88
N LYS A 16 -12.27 15.09 2.51
CA LYS A 16 -12.04 15.50 1.08
C LYS A 16 -11.11 14.47 0.40
N SER A 17 -11.34 14.21 -0.87
CA SER A 17 -10.49 13.21 -1.62
C SER A 17 -9.01 13.63 -1.63
N SER A 18 -8.69 14.79 -2.23
CA SER A 18 -7.28 15.34 -2.29
C SER A 18 -6.20 14.25 -2.61
N GLY A 19 -6.53 13.26 -3.44
CA GLY A 19 -5.53 12.19 -3.79
C GLY A 19 -5.94 11.50 -5.10
N GLY A 20 -5.23 11.75 -6.18
CA GLY A 20 -5.57 11.11 -7.50
C GLY A 20 -4.67 11.66 -8.61
N VAL A 21 -3.76 10.86 -9.13
CA VAL A 21 -2.85 11.30 -10.22
C VAL A 21 -2.17 10.02 -10.81
N PRO A 22 -2.58 9.67 -12.05
CA PRO A 22 -2.08 8.42 -12.79
C PRO A 22 -0.93 7.65 -12.08
N GLY A 23 0.30 8.17 -12.11
CA GLY A 23 1.44 7.46 -11.44
C GLY A 23 2.29 8.44 -10.61
N GLN A 24 1.67 9.48 -10.06
CA GLN A 24 2.44 10.47 -9.21
C GLN A 24 2.01 10.41 -7.73
N ASN A 25 1.21 9.43 -7.35
CA ASN A 25 0.77 9.26 -5.94
C ASN A 25 1.92 8.63 -5.13
N THR A 26 2.62 7.66 -5.71
CA THR A 26 3.79 7.02 -5.03
C THR A 26 4.99 7.98 -5.01
N GLY A 27 5.13 8.84 -6.02
CA GLY A 27 6.27 9.81 -6.08
C GLY A 27 7.22 9.50 -7.25
N GLY A 28 7.43 8.23 -7.57
CA GLY A 28 8.34 7.85 -8.70
C GLY A 28 9.78 7.62 -8.17
N GLN A 29 10.67 7.12 -9.01
CA GLN A 29 12.10 6.83 -8.61
C GLN A 29 12.17 5.67 -7.59
N GLU A 30 11.69 5.86 -6.37
CA GLU A 30 11.72 4.79 -5.34
C GLU A 30 10.43 3.94 -5.46
N ALA A 31 9.42 4.12 -4.58
CA ALA A 31 8.12 3.35 -4.65
C ALA A 31 8.29 1.85 -4.32
N ARG A 32 9.11 1.13 -5.08
CA ARG A 32 9.33 -0.35 -4.84
C ARG A 32 10.85 -0.82 -5.13
N PRO A 33 11.85 -0.43 -4.27
CA PRO A 33 13.26 -0.94 -4.51
C PRO A 33 14.04 -1.28 -3.21
N ASN A 34 14.83 -0.36 -2.62
CA ASN A 34 15.57 -0.72 -1.35
C ASN A 34 15.25 0.17 -0.14
N TYR A 35 14.39 1.12 -0.35
CA TYR A 35 13.73 1.94 0.73
C TYR A 35 13.75 1.21 2.15
N HIS A 36 13.28 0.00 2.13
CA HIS A 36 13.19 -1.01 3.25
C HIS A 36 13.46 -2.43 2.58
N CYS A 37 14.27 -2.42 1.55
CA CYS A 37 14.60 -3.60 0.62
C CYS A 37 13.42 -4.56 0.44
N GLN A 38 12.35 -3.97 -0.09
CA GLN A 38 10.98 -4.57 -0.35
C GLN A 38 10.66 -5.68 0.64
N LEU A 39 11.06 -5.48 1.89
CA LEU A 39 10.87 -6.49 3.00
C LEU A 39 10.89 -5.78 4.33
N CYS A 40 11.94 -4.99 4.56
CA CYS A 40 12.02 -4.15 5.79
C CYS A 40 10.67 -3.37 5.91
N PHE A 41 10.03 -3.06 4.72
CA PHE A 41 8.71 -2.38 4.58
C PHE A 41 8.31 -1.67 5.90
N LEU A 42 9.06 -0.62 6.23
CA LEU A 42 8.82 0.17 7.49
C LEU A 42 8.66 1.67 7.18
N ARG A 43 9.58 2.28 6.42
CA ARG A 43 9.47 3.77 6.11
C ARG A 43 8.92 4.08 4.68
N SER A 44 8.63 3.08 3.86
CA SER A 44 8.07 3.33 2.47
C SER A 44 6.73 2.58 2.34
N LEU A 45 6.72 1.28 1.97
CA LEU A 45 5.46 0.46 1.90
C LEU A 45 4.64 0.85 0.67
N GLY A 46 3.97 1.96 0.71
CA GLY A 46 3.12 2.37 -0.48
C GLY A 46 1.66 1.90 -0.28
N ILE A 47 1.50 0.81 0.43
CA ILE A 47 0.15 0.17 0.68
C ILE A 47 0.21 -0.62 2.01
N ASP A 48 1.04 -0.20 2.98
CA ASP A 48 1.21 -0.99 4.24
C ASP A 48 1.60 -2.45 3.82
N TYR A 49 2.51 -2.53 2.84
CA TYR A 49 3.00 -3.83 2.23
C TYR A 49 2.78 -5.04 3.11
N LEU A 50 1.90 -5.93 2.66
CA LEU A 50 1.69 -7.24 3.38
C LEU A 50 3.10 -7.88 3.54
N ASP A 51 3.95 -7.62 2.54
CA ASP A 51 5.34 -8.08 2.39
C ASP A 51 5.25 -9.28 1.45
N ALA A 52 5.16 -8.96 0.18
CA ALA A 52 5.01 -9.98 -0.91
C ALA A 52 6.37 -10.69 -1.10
N SER A 53 6.77 -11.40 -0.07
CA SER A 53 8.08 -12.10 -0.05
C SER A 53 8.17 -12.87 1.30
N LEU A 54 8.01 -12.14 2.40
CA LEU A 54 8.03 -12.75 3.77
C LEU A 54 6.59 -12.76 4.36
N ARG A 55 5.78 -11.74 4.06
CA ARG A 55 4.37 -11.63 4.54
C ARG A 55 4.39 -11.48 6.08
N LYS A 56 4.55 -10.24 6.53
CA LYS A 56 4.66 -9.88 8.01
C LYS A 56 3.59 -10.58 8.89
N LYS A 57 2.36 -10.70 8.42
CA LYS A 57 1.27 -11.36 9.22
C LYS A 57 0.22 -11.94 8.27
N ASN A 58 -0.60 -11.06 7.68
CA ASN A 58 -1.68 -11.42 6.67
C ASN A 58 -2.22 -12.85 6.82
N LYS A 59 -3.14 -13.00 7.75
CA LYS A 59 -3.78 -14.33 8.04
C LYS A 59 -5.08 -14.47 7.23
N GLN A 60 -5.21 -15.55 6.46
CA GLN A 60 -6.43 -15.81 5.60
C GLN A 60 -6.69 -14.61 4.63
N ARG A 61 -5.65 -14.13 3.98
CA ARG A 61 -5.81 -12.99 3.00
C ARG A 61 -6.24 -13.56 1.63
N LEU A 62 -7.52 -13.43 1.31
CA LEU A 62 -8.08 -13.95 0.00
C LEU A 62 -9.57 -13.58 -0.08
N LYS A 63 -10.38 -14.00 0.90
CA LYS A 63 -11.83 -13.62 0.93
C LYS A 63 -11.91 -12.08 0.99
N ALA A 64 -12.73 -11.46 0.14
CA ALA A 64 -12.83 -9.95 0.04
C ALA A 64 -11.61 -9.40 -0.76
N ILE A 65 -10.39 -9.88 -0.50
CA ILE A 65 -9.16 -9.41 -1.26
C ILE A 65 -9.37 -9.71 -2.75
N GLN A 66 -9.64 -10.97 -3.09
CA GLN A 66 -9.94 -11.42 -4.49
C GLN A 66 -8.96 -10.81 -5.55
N GLN A 67 -9.20 -9.60 -6.02
CA GLN A 67 -8.30 -8.94 -7.05
C GLN A 67 -6.85 -8.79 -6.51
N GLY A 68 -6.68 -8.64 -5.20
CA GLY A 68 -5.31 -8.48 -4.60
C GLY A 68 -4.59 -9.84 -4.52
N ARG A 69 -4.34 -10.48 -5.64
CA ARG A 69 -3.59 -11.80 -5.65
C ARG A 69 -2.13 -11.50 -5.23
N GLN A 70 -1.54 -10.47 -5.80
CA GLN A 70 -0.17 -10.06 -5.40
C GLN A 70 -0.33 -9.16 -4.15
N PRO A 71 0.62 -9.27 -3.22
CA PRO A 71 0.52 -8.41 -1.99
C PRO A 71 0.91 -6.91 -2.22
N GLN A 72 0.83 -6.41 -3.44
CA GLN A 72 1.12 -4.98 -3.71
C GLN A 72 -0.19 -4.20 -3.68
N TYR A 73 -1.14 -4.55 -4.55
CA TYR A 73 -2.50 -3.86 -4.58
C TYR A 73 -2.42 -2.38 -5.04
N LEU A 74 -1.64 -1.57 -4.36
CA LEU A 74 -1.54 -0.10 -4.63
C LEU A 74 -2.89 0.58 -4.27
N LEU A 75 -3.63 -0.03 -3.33
CA LEU A 75 -4.96 0.53 -2.90
C LEU A 75 -4.91 0.88 -1.38
N LEU A 1 3.79 7.62 5.96
CA LEU A 1 4.43 6.26 6.01
C LEU A 1 3.96 5.50 7.28
N GLU A 2 2.69 5.17 7.33
CA GLU A 2 2.10 4.43 8.50
C GLU A 2 1.24 3.28 7.96
N ASP A 3 1.42 2.09 8.49
CA ASP A 3 0.66 0.91 8.05
C ASP A 3 -0.68 0.81 8.80
N ARG A 4 -0.65 0.30 10.01
CA ARG A 4 -1.88 0.09 10.89
C ARG A 4 -3.12 -0.32 10.03
N ARG A 5 -2.91 -1.27 9.12
CA ARG A 5 -3.97 -1.80 8.18
C ARG A 5 -4.92 -0.67 7.67
N ILE A 6 -4.47 0.11 6.71
CA ILE A 6 -5.29 1.22 6.15
C ILE A 6 -6.66 0.72 5.61
N PRO A 7 -7.69 1.56 5.80
CA PRO A 7 -9.03 1.18 5.31
C PRO A 7 -9.26 1.70 3.86
N GLY A 8 -10.51 1.80 3.44
CA GLY A 8 -10.84 2.31 2.07
C GLY A 8 -11.68 3.59 2.18
N THR A 9 -11.28 4.50 3.07
CA THR A 9 -12.03 5.79 3.26
C THR A 9 -11.95 6.70 2.01
N ALA A 10 -10.81 6.70 1.32
CA ALA A 10 -10.65 7.55 0.09
C ALA A 10 -9.79 6.80 -0.93
N GLU A 11 -10.38 6.48 -2.06
CA GLU A 11 -9.63 5.75 -3.16
C GLU A 11 -9.45 6.68 -4.38
N GLU A 12 -10.46 7.49 -4.72
CA GLU A 12 -10.40 8.46 -5.90
C GLU A 12 -9.10 9.32 -5.90
N ASN A 13 -8.50 9.56 -4.74
CA ASN A 13 -7.24 10.40 -4.66
C ASN A 13 -5.97 9.65 -5.18
N LEU A 14 -6.12 8.40 -5.51
CA LEU A 14 -4.98 7.55 -6.02
C LEU A 14 -4.17 8.24 -7.14
N GLN A 15 -4.83 9.00 -8.00
CA GLN A 15 -4.11 9.73 -9.11
C GLN A 15 -4.41 11.24 -9.02
N LYS A 16 -5.67 11.63 -9.21
CA LYS A 16 -6.03 13.08 -9.13
C LYS A 16 -6.11 13.51 -7.64
N SER A 17 -5.67 14.72 -7.34
CA SER A 17 -5.68 15.25 -5.91
C SER A 17 -4.88 14.29 -4.97
N SER A 18 -3.80 13.71 -5.48
CA SER A 18 -2.95 12.79 -4.65
C SER A 18 -1.81 13.56 -3.96
N GLY A 19 -1.13 12.92 -3.02
CA GLY A 19 0.01 13.60 -2.30
C GLY A 19 1.30 13.47 -3.13
N GLY A 20 1.35 14.12 -4.29
CA GLY A 20 2.56 14.07 -5.19
C GLY A 20 3.82 14.59 -4.46
N VAL A 21 3.69 15.64 -3.69
CA VAL A 21 4.86 16.18 -2.92
C VAL A 21 4.39 16.55 -1.48
N PRO A 22 4.86 15.77 -0.51
CA PRO A 22 4.45 16.04 0.90
C PRO A 22 5.66 16.46 1.76
N GLY A 23 6.66 15.61 1.88
CA GLY A 23 7.87 15.93 2.71
C GLY A 23 7.98 14.93 3.88
N GLN A 24 6.88 14.66 4.55
CA GLN A 24 6.89 13.67 5.71
C GLN A 24 6.21 12.34 5.31
N ASN A 25 6.15 12.05 4.04
CA ASN A 25 5.51 10.78 3.53
C ASN A 25 6.52 9.90 2.74
N THR A 26 7.65 10.47 2.29
CA THR A 26 8.71 9.71 1.52
C THR A 26 9.14 8.40 2.22
N GLY A 27 8.90 8.25 3.52
CA GLY A 27 9.26 6.99 4.27
C GLY A 27 8.62 5.74 3.62
N GLY A 28 7.51 5.90 2.89
CA GLY A 28 6.86 4.74 2.20
C GLY A 28 5.34 4.73 2.46
N GLN A 29 4.60 5.46 1.65
CA GLN A 29 3.11 5.53 1.80
C GLN A 29 2.46 5.75 0.42
N GLU A 30 2.90 6.77 -0.29
CA GLU A 30 2.36 7.08 -1.66
C GLU A 30 2.87 6.06 -2.72
N ALA A 31 3.98 5.37 -2.47
CA ALA A 31 4.52 4.37 -3.47
C ALA A 31 4.86 3.01 -2.81
N ARG A 32 5.17 2.02 -3.64
CA ARG A 32 5.57 0.65 -3.14
C ARG A 32 7.08 0.32 -3.59
N PRO A 33 8.10 0.69 -2.76
CA PRO A 33 9.50 0.35 -3.21
C PRO A 33 10.38 -0.35 -2.12
N ASN A 34 11.27 0.35 -1.40
CA ASN A 34 12.11 -0.38 -0.38
C ASN A 34 11.90 0.02 1.07
N TYR A 35 11.01 0.94 1.29
CA TYR A 35 10.48 1.29 2.66
C TYR A 35 10.60 0.07 3.67
N HIS A 36 10.15 -1.06 3.20
CA HIS A 36 10.18 -2.44 3.85
C HIS A 36 10.35 -3.46 2.65
N CYS A 37 11.06 -3.04 1.64
CA CYS A 37 11.29 -3.74 0.32
C CYS A 37 10.04 -4.47 -0.19
N GLN A 38 8.98 -3.68 -0.26
CA GLN A 38 7.57 -4.06 -0.67
C GLN A 38 7.28 -5.50 -0.25
N LEU A 39 7.76 -5.87 0.93
CA LEU A 39 7.62 -7.25 1.47
C LEU A 39 7.77 -7.23 2.96
N CYS A 40 8.86 -6.64 3.45
CA CYS A 40 9.06 -6.46 4.92
C CYS A 40 7.76 -5.81 5.49
N PHE A 41 7.07 -4.99 4.64
CA PHE A 41 5.78 -4.32 4.95
C PHE A 41 5.59 -4.06 6.46
N LEU A 42 6.42 -3.17 6.98
CA LEU A 42 6.39 -2.75 8.43
C LEU A 42 6.78 -1.26 8.49
N ARG A 43 6.28 -0.54 9.50
CA ARG A 43 6.57 0.96 9.69
C ARG A 43 6.58 1.72 8.33
N SER A 44 5.60 1.45 7.48
CA SER A 44 5.50 2.09 6.11
C SER A 44 4.19 1.61 5.40
N LEU A 45 4.26 0.67 4.43
CA LEU A 45 3.09 0.06 3.75
C LEU A 45 2.39 1.01 2.80
N GLY A 46 1.76 2.03 3.32
CA GLY A 46 0.97 2.95 2.43
C GLY A 46 -0.52 2.61 2.56
N ILE A 47 -0.79 1.33 2.62
CA ILE A 47 -2.18 0.78 2.72
C ILE A 47 -2.15 -0.44 3.66
N ASP A 48 -3.25 -1.18 3.75
CA ASP A 48 -3.25 -2.44 4.53
C ASP A 48 -2.63 -3.46 3.54
N TYR A 49 -1.30 -3.50 3.43
CA TYR A 49 -0.65 -4.39 2.42
C TYR A 49 -1.06 -5.83 2.61
N LEU A 50 -1.66 -6.36 1.58
CA LEU A 50 -2.00 -7.80 1.52
C LEU A 50 -0.66 -8.60 1.32
N ASP A 51 0.50 -7.88 1.28
CA ASP A 51 1.82 -8.45 1.03
C ASP A 51 1.64 -9.40 -0.14
N ALA A 52 1.12 -8.84 -1.24
CA ALA A 52 0.83 -9.60 -2.49
C ALA A 52 2.18 -10.05 -3.07
N SER A 53 2.76 -10.99 -2.36
CA SER A 53 4.12 -11.50 -2.66
C SER A 53 4.41 -12.61 -1.60
N LEU A 54 4.30 -12.25 -0.32
CA LEU A 54 4.51 -13.24 0.82
C LEU A 54 3.20 -13.40 1.65
N ARG A 55 2.41 -12.32 1.79
CA ARG A 55 1.12 -12.30 2.57
C ARG A 55 1.39 -12.56 4.06
N LYS A 56 2.25 -11.75 4.64
CA LYS A 56 2.66 -11.84 6.12
C LYS A 56 1.48 -12.32 7.01
N LYS A 57 0.39 -11.60 6.98
CA LYS A 57 -0.84 -11.97 7.75
C LYS A 57 -2.03 -11.64 6.83
N ASN A 58 -1.88 -11.99 5.56
CA ASN A 58 -2.91 -11.67 4.51
C ASN A 58 -3.20 -12.96 3.71
N LYS A 59 -3.29 -14.07 4.44
CA LYS A 59 -3.55 -15.41 3.81
C LYS A 59 -4.83 -15.37 2.94
N GLN A 60 -4.65 -15.38 1.63
CA GLN A 60 -5.79 -15.34 0.64
C GLN A 60 -6.87 -14.30 1.03
N ARG A 61 -6.57 -13.03 0.86
CA ARG A 61 -7.54 -11.93 1.20
C ARG A 61 -8.42 -11.53 -0.03
N LEU A 62 -8.35 -12.27 -1.16
CA LEU A 62 -9.17 -11.94 -2.39
C LEU A 62 -8.75 -10.59 -3.03
N LYS A 63 -9.42 -10.21 -4.13
CA LYS A 63 -9.15 -8.92 -4.90
C LYS A 63 -7.62 -8.55 -4.95
N ALA A 64 -6.77 -9.55 -5.05
CA ALA A 64 -5.29 -9.35 -5.09
C ALA A 64 -4.59 -10.71 -5.33
N ILE A 65 -5.06 -11.77 -4.67
CA ILE A 65 -4.50 -13.14 -4.89
C ILE A 65 -4.77 -13.58 -6.34
N GLN A 66 -5.93 -13.21 -6.89
CA GLN A 66 -6.30 -13.57 -8.30
C GLN A 66 -5.57 -12.62 -9.29
N GLN A 67 -4.29 -12.85 -9.53
CA GLN A 67 -3.47 -12.00 -10.48
C GLN A 67 -3.48 -10.49 -10.10
N GLY A 68 -3.56 -10.22 -8.84
CA GLY A 68 -3.58 -8.79 -8.33
C GLY A 68 -2.16 -8.27 -8.19
N ARG A 69 -1.46 -8.05 -9.29
CA ARG A 69 -0.05 -7.53 -9.23
C ARG A 69 -0.04 -5.98 -9.28
N GLN A 70 -0.86 -5.33 -8.47
CA GLN A 70 -0.91 -3.83 -8.43
C GLN A 70 0.22 -3.29 -7.51
N PRO A 71 0.16 -1.97 -7.22
CA PRO A 71 1.17 -1.40 -6.29
C PRO A 71 0.52 -0.61 -5.13
N GLN A 72 -0.63 0.00 -5.38
CA GLN A 72 -1.31 0.81 -4.31
C GLN A 72 -2.23 -0.09 -3.51
N TYR A 73 -2.93 -1.00 -4.18
CA TYR A 73 -3.80 -2.00 -3.49
C TYR A 73 -4.95 -1.38 -2.67
N LEU A 74 -4.65 -0.88 -1.46
CA LEU A 74 -5.69 -0.37 -0.51
C LEU A 74 -6.50 -1.59 0.02
N LEU A 75 -5.90 -2.79 0.00
CA LEU A 75 -6.60 -4.03 0.48
C LEU A 75 -5.62 -5.24 0.58
N LEU A 1 2.59 7.44 13.33
CA LEU A 1 1.96 6.25 13.99
C LEU A 1 0.93 5.61 13.03
N GLU A 2 0.93 4.27 12.94
CA GLU A 2 -0.02 3.51 12.04
C GLU A 2 0.21 3.83 10.54
N ASP A 3 -0.39 3.06 9.66
CA ASP A 3 -0.26 3.30 8.20
C ASP A 3 -1.62 3.83 7.68
N ARG A 4 -1.92 3.65 6.41
CA ARG A 4 -3.21 4.15 5.80
C ARG A 4 -3.28 5.71 5.84
N ARG A 5 -2.14 6.38 5.94
CA ARG A 5 -2.10 7.88 5.99
C ARG A 5 -1.08 8.42 4.96
N ILE A 6 0.09 7.79 4.85
CA ILE A 6 1.14 8.24 3.87
C ILE A 6 0.63 8.19 2.38
N PRO A 7 -0.44 7.42 2.10
CA PRO A 7 -0.97 7.43 0.69
C PRO A 7 -2.08 8.52 0.51
N GLY A 8 -2.11 9.53 1.36
CA GLY A 8 -3.14 10.63 1.25
C GLY A 8 -4.23 10.51 2.35
N THR A 9 -4.30 9.38 3.07
CA THR A 9 -5.32 9.10 4.17
C THR A 9 -6.70 8.70 3.61
N ALA A 10 -7.09 9.25 2.48
CA ALA A 10 -8.42 8.90 1.86
C ALA A 10 -8.34 9.07 0.31
N GLU A 11 -8.79 10.20 -0.23
CA GLU A 11 -8.74 10.44 -1.72
C GLU A 11 -8.20 11.89 -1.95
N GLU A 12 -8.97 12.83 -2.49
CA GLU A 12 -8.46 14.23 -2.65
C GLU A 12 -8.85 15.10 -1.43
N ASN A 13 -9.07 14.49 -0.25
CA ASN A 13 -9.43 15.26 1.00
C ASN A 13 -8.46 16.42 1.25
N LEU A 14 -7.22 16.23 0.91
CA LEU A 14 -6.15 17.28 1.09
C LEU A 14 -6.41 18.51 0.17
N GLN A 15 -6.90 18.31 -1.04
CA GLN A 15 -7.19 19.46 -1.97
C GLN A 15 -8.66 19.90 -1.86
N LYS A 16 -9.60 18.96 -1.75
CA LYS A 16 -11.08 19.25 -1.64
C LYS A 16 -11.66 19.64 -3.02
N SER A 17 -11.11 20.64 -3.69
CA SER A 17 -11.62 21.04 -5.04
C SER A 17 -11.10 20.03 -6.08
N SER A 18 -11.95 19.06 -6.45
CA SER A 18 -11.55 17.99 -7.45
C SER A 18 -10.84 18.59 -8.67
N GLY A 19 -9.57 18.31 -8.82
CA GLY A 19 -8.76 18.88 -9.96
C GLY A 19 -7.40 19.40 -9.45
N GLY A 20 -7.29 19.76 -8.16
CA GLY A 20 -6.00 20.28 -7.60
C GLY A 20 -4.92 19.17 -7.41
N VAL A 21 -5.24 17.89 -7.69
CA VAL A 21 -4.29 16.73 -7.54
C VAL A 21 -4.31 16.20 -6.08
N PRO A 22 -4.64 14.92 -5.95
CA PRO A 22 -4.67 14.31 -4.59
C PRO A 22 -3.27 13.80 -4.22
N GLY A 23 -2.79 12.77 -4.91
CA GLY A 23 -1.42 12.21 -4.65
C GLY A 23 -0.74 11.85 -5.97
N GLN A 24 -0.89 12.69 -6.98
CA GLN A 24 -0.25 12.42 -8.32
C GLN A 24 0.92 13.38 -8.60
N ASN A 25 1.48 13.96 -7.56
CA ASN A 25 2.65 14.89 -7.70
C ASN A 25 3.95 14.09 -7.48
N THR A 26 3.98 13.21 -6.49
CA THR A 26 5.18 12.34 -6.22
C THR A 26 5.19 11.16 -7.22
N GLY A 27 4.03 10.76 -7.74
CA GLY A 27 3.93 9.61 -8.71
C GLY A 27 4.35 8.29 -8.05
N GLY A 28 3.97 8.08 -6.79
CA GLY A 28 4.36 6.80 -6.08
C GLY A 28 5.73 6.96 -5.40
N GLN A 29 6.75 7.36 -6.18
CA GLN A 29 8.15 7.54 -5.68
C GLN A 29 8.87 6.18 -5.65
N GLU A 30 10.17 6.20 -5.53
CA GLU A 30 11.00 4.94 -5.49
C GLU A 30 10.77 4.14 -4.16
N ALA A 31 9.52 3.78 -3.88
CA ALA A 31 9.17 3.01 -2.66
C ALA A 31 8.92 1.52 -2.99
N ARG A 32 8.56 0.75 -1.98
CA ARG A 32 8.32 -0.73 -2.13
C ARG A 32 9.61 -1.53 -2.67
N PRO A 33 10.68 -1.70 -1.84
CA PRO A 33 11.87 -2.50 -2.33
C PRO A 33 12.45 -3.50 -1.28
N ASN A 34 13.48 -3.16 -0.50
CA ASN A 34 14.01 -4.17 0.50
C ASN A 34 13.92 -3.76 1.97
N TYR A 35 13.40 -2.59 2.20
CA TYR A 35 12.98 -2.10 3.58
C TYR A 35 12.67 -3.31 4.56
N HIS A 36 11.89 -4.23 4.05
CA HIS A 36 11.44 -5.54 4.67
C HIS A 36 11.25 -6.56 3.45
N CYS A 37 12.05 -6.36 2.43
CA CYS A 37 12.02 -7.05 1.08
C CYS A 37 10.61 -7.41 0.60
N GLN A 38 9.83 -6.33 0.49
CA GLN A 38 8.35 -6.27 0.13
C GLN A 38 7.66 -7.57 0.51
N LEU A 39 7.98 -8.05 1.69
CA LEU A 39 7.44 -9.34 2.23
C LEU A 39 7.57 -9.33 3.73
N CYS A 40 8.81 -9.17 4.21
CA CYS A 40 9.09 -9.06 5.66
C CYS A 40 8.12 -8.01 6.28
N PHE A 41 7.79 -6.97 5.48
CA PHE A 41 6.87 -5.87 5.86
C PHE A 41 6.96 -5.55 7.37
N LEU A 42 5.88 -5.56 8.15
CA LEU A 42 5.98 -5.19 9.63
C LEU A 42 6.37 -3.68 9.77
N ARG A 43 7.62 -3.33 9.44
CA ARG A 43 8.10 -1.89 9.50
C ARG A 43 8.34 -1.39 8.04
N SER A 44 7.74 -0.24 7.71
CA SER A 44 7.81 0.43 6.33
C SER A 44 6.41 0.23 5.69
N LEU A 45 6.19 -0.80 4.87
CA LEU A 45 4.85 -1.15 4.35
C LEU A 45 4.33 -0.09 3.38
N GLY A 46 3.67 0.93 3.86
CA GLY A 46 3.15 2.00 2.94
C GLY A 46 1.63 1.97 2.78
N ILE A 47 0.97 0.91 3.21
CA ILE A 47 -0.53 0.76 3.03
C ILE A 47 -1.04 -0.38 3.94
N ASP A 48 -0.55 -0.48 5.18
CA ASP A 48 -0.94 -1.65 6.07
C ASP A 48 -0.65 -2.94 5.24
N TYR A 49 0.49 -2.89 4.54
CA TYR A 49 0.93 -3.97 3.59
C TYR A 49 0.67 -5.39 4.06
N LEU A 50 1.10 -5.72 5.27
CA LEU A 50 0.99 -7.12 5.78
C LEU A 50 2.10 -7.91 5.03
N ASP A 51 1.87 -8.17 3.74
CA ASP A 51 2.81 -8.87 2.83
C ASP A 51 2.02 -9.15 1.52
N ALA A 52 0.93 -9.91 1.58
CA ALA A 52 0.03 -10.17 0.38
C ALA A 52 0.71 -10.91 -0.79
N SER A 53 1.92 -10.52 -1.21
CA SER A 53 2.63 -11.21 -2.34
C SER A 53 2.83 -12.66 -1.88
N LEU A 54 3.54 -12.82 -0.80
CA LEU A 54 3.70 -14.15 -0.17
C LEU A 54 2.69 -14.25 1.01
N ARG A 55 2.32 -13.09 1.61
CA ARG A 55 1.41 -13.03 2.81
C ARG A 55 1.84 -14.12 3.83
N LYS A 56 3.14 -14.24 4.01
CA LYS A 56 3.77 -15.25 4.97
C LYS A 56 3.31 -16.73 4.74
N LYS A 57 2.64 -17.05 3.63
CA LYS A 57 2.15 -18.46 3.33
C LYS A 57 1.15 -18.47 2.14
N ASN A 58 0.39 -17.38 1.96
CA ASN A 58 -0.64 -17.26 0.86
C ASN A 58 -0.01 -17.54 -0.51
N LYS A 59 0.83 -16.64 -1.01
CA LYS A 59 1.56 -16.78 -2.35
C LYS A 59 0.69 -17.44 -3.46
N GLN A 60 0.64 -18.76 -3.54
CA GLN A 60 -0.19 -19.48 -4.60
C GLN A 60 -1.73 -19.42 -4.33
N ARG A 61 -2.20 -18.62 -3.37
CA ARG A 61 -3.67 -18.51 -3.05
C ARG A 61 -4.53 -18.29 -4.32
N LEU A 62 -4.33 -17.20 -5.05
CA LEU A 62 -5.14 -16.90 -6.31
C LEU A 62 -6.58 -16.49 -5.92
N LYS A 63 -7.33 -17.36 -5.27
CA LYS A 63 -8.74 -17.03 -4.83
C LYS A 63 -8.68 -15.82 -3.88
N ALA A 64 -9.51 -14.80 -4.11
CA ALA A 64 -9.51 -13.53 -3.30
C ALA A 64 -8.35 -12.60 -3.77
N ILE A 65 -7.15 -13.14 -3.94
CA ILE A 65 -5.97 -12.33 -4.44
C ILE A 65 -6.31 -11.69 -5.82
N GLN A 66 -7.08 -12.41 -6.64
CA GLN A 66 -7.51 -11.88 -7.99
C GLN A 66 -8.19 -10.49 -7.88
N GLN A 67 -8.90 -10.22 -6.80
CA GLN A 67 -9.57 -8.88 -6.61
C GLN A 67 -8.50 -7.85 -6.17
N GLY A 68 -7.72 -8.17 -5.15
CA GLY A 68 -6.63 -7.24 -4.67
C GLY A 68 -5.30 -7.68 -5.27
N ARG A 69 -5.17 -7.58 -6.59
CA ARG A 69 -3.91 -8.01 -7.33
C ARG A 69 -2.64 -7.43 -6.66
N GLN A 70 -2.56 -6.13 -6.47
CA GLN A 70 -1.37 -5.52 -5.82
C GLN A 70 -1.74 -5.14 -4.37
N PRO A 71 -0.78 -5.31 -3.48
CA PRO A 71 -1.03 -4.90 -2.08
C PRO A 71 -0.77 -3.38 -1.90
N GLN A 72 -1.68 -2.57 -2.41
CA GLN A 72 -1.56 -1.07 -2.29
C GLN A 72 -2.87 -0.51 -1.73
N TYR A 73 -3.22 -1.06 -0.64
CA TYR A 73 -4.51 -0.72 0.03
C TYR A 73 -4.36 -0.68 1.59
N LEU A 74 -4.93 -1.64 2.32
CA LEU A 74 -4.83 -1.66 3.83
C LEU A 74 -5.53 -2.94 4.35
N LEU A 75 -5.15 -4.09 3.81
CA LEU A 75 -5.78 -5.39 4.20
C LEU A 75 -4.91 -6.57 3.70
N LEU A 1 -6.01 8.78 3.39
CA LEU A 1 -6.35 7.60 4.24
C LEU A 1 -5.22 6.55 4.17
N GLU A 2 -5.04 5.76 5.20
CA GLU A 2 -3.94 4.74 5.20
C GLU A 2 -4.17 3.63 6.25
N ASP A 3 -3.30 2.62 6.26
CA ASP A 3 -3.38 1.50 7.25
C ASP A 3 -3.31 2.05 8.69
N ARG A 4 -2.45 3.00 8.88
CA ARG A 4 -2.25 3.67 10.23
C ARG A 4 -3.48 4.53 10.62
N ARG A 5 -4.27 4.97 9.64
CA ARG A 5 -5.48 5.80 9.92
C ARG A 5 -6.70 5.10 9.28
N ILE A 6 -7.26 4.15 10.01
CA ILE A 6 -8.43 3.32 9.53
C ILE A 6 -9.51 4.16 8.78
N PRO A 7 -10.19 3.49 7.86
CA PRO A 7 -11.26 4.17 7.06
C PRO A 7 -12.53 4.51 7.89
N GLY A 8 -13.68 4.40 7.27
CA GLY A 8 -14.98 4.76 7.91
C GLY A 8 -15.84 5.56 6.92
N THR A 9 -15.20 6.27 5.99
CA THR A 9 -15.94 7.08 4.96
C THR A 9 -15.58 6.60 3.55
N ALA A 10 -14.37 6.86 3.09
CA ALA A 10 -13.91 6.44 1.73
C ALA A 10 -12.38 6.64 1.63
N GLU A 11 -11.61 5.58 1.57
CA GLU A 11 -10.11 5.70 1.47
C GLU A 11 -9.71 6.49 0.21
N GLU A 12 -10.40 6.29 -0.89
CA GLU A 12 -10.04 6.98 -2.19
C GLU A 12 -10.41 8.47 -2.22
N ASN A 13 -11.30 8.99 -1.36
CA ASN A 13 -11.62 10.47 -1.41
C ASN A 13 -10.38 11.30 -1.00
N LEU A 14 -9.62 10.77 -0.09
CA LEU A 14 -8.33 11.42 0.36
C LEU A 14 -7.10 10.59 -0.16
N GLN A 15 -7.34 9.49 -0.88
CA GLN A 15 -6.25 8.58 -1.44
C GLN A 15 -5.69 7.65 -0.35
N LYS A 16 -5.23 6.47 -0.73
CA LYS A 16 -4.64 5.50 0.27
C LYS A 16 -3.16 5.90 0.54
N SER A 17 -2.33 4.99 1.06
CA SER A 17 -0.87 5.29 1.37
C SER A 17 -0.73 6.19 2.61
N SER A 18 -1.13 7.45 2.51
CA SER A 18 -1.03 8.40 3.66
C SER A 18 -2.30 9.30 3.70
N GLY A 19 -2.27 10.37 4.47
CA GLY A 19 -3.45 11.32 4.55
C GLY A 19 -3.91 11.75 3.14
N GLY A 20 -2.96 12.01 2.24
CA GLY A 20 -3.31 12.41 0.83
C GLY A 20 -2.06 12.78 0.02
N VAL A 21 -1.01 11.96 0.08
CA VAL A 21 0.27 12.22 -0.70
C VAL A 21 1.33 11.13 -0.35
N PRO A 22 1.75 10.39 -1.35
CA PRO A 22 2.77 9.32 -1.11
C PRO A 22 4.19 9.87 -1.34
N GLY A 23 4.47 10.37 -2.54
CA GLY A 23 5.84 10.92 -2.84
C GLY A 23 5.82 11.77 -4.12
N GLN A 24 5.07 12.85 -4.11
CA GLN A 24 4.98 13.75 -5.33
C GLN A 24 5.93 14.98 -5.22
N ASN A 25 6.98 14.85 -4.46
CA ASN A 25 7.99 15.97 -4.30
C ASN A 25 9.25 15.62 -5.13
N THR A 26 9.85 14.47 -4.86
CA THR A 26 11.08 14.03 -5.61
C THR A 26 10.69 13.40 -6.97
N GLY A 27 9.57 12.69 -7.02
CA GLY A 27 9.12 12.03 -8.31
C GLY A 27 8.87 10.54 -8.09
N GLY A 28 9.78 9.86 -7.40
CA GLY A 28 9.61 8.39 -7.13
C GLY A 28 8.63 8.15 -5.98
N GLN A 29 7.34 8.32 -6.24
CA GLN A 29 6.29 8.11 -5.18
C GLN A 29 6.12 6.60 -4.85
N GLU A 30 6.28 5.73 -5.83
CA GLU A 30 6.15 4.26 -5.58
C GLU A 30 7.54 3.58 -5.71
N ALA A 31 8.51 4.07 -4.98
CA ALA A 31 9.90 3.49 -5.03
C ALA A 31 9.95 2.09 -4.38
N ARG A 32 9.24 1.90 -3.27
CA ARG A 32 9.24 0.57 -2.52
C ARG A 32 10.69 0.13 -2.09
N PRO A 33 11.29 0.78 -1.05
CA PRO A 33 12.68 0.34 -0.65
C PRO A 33 12.84 0.00 0.86
N ASN A 34 13.36 0.89 1.73
CA ASN A 34 13.53 0.51 3.18
C ASN A 34 12.71 1.28 4.20
N TYR A 35 11.93 2.20 3.73
CA TYR A 35 10.85 2.89 4.54
C TYR A 35 10.33 1.97 5.73
N HIS A 36 10.09 0.74 5.40
CA HIS A 36 9.67 -0.43 6.28
C HIS A 36 10.28 -1.74 5.61
N CYS A 37 11.40 -1.56 4.97
CA CYS A 37 12.15 -2.57 4.13
C CYS A 37 11.24 -3.47 3.31
N GLN A 38 10.40 -2.77 2.54
CA GLN A 38 9.33 -3.32 1.61
C GLN A 38 8.80 -4.62 2.17
N LEU A 39 8.58 -4.64 3.50
CA LEU A 39 8.13 -5.86 4.25
C LEU A 39 7.55 -5.43 5.59
N CYS A 40 8.35 -4.71 6.38
CA CYS A 40 7.87 -4.13 7.66
C CYS A 40 6.55 -3.36 7.34
N PHE A 41 6.49 -2.84 6.10
CA PHE A 41 5.35 -2.12 5.53
C PHE A 41 4.67 -1.21 6.59
N LEU A 42 3.45 -1.48 7.05
CA LEU A 42 2.71 -0.60 8.08
C LEU A 42 3.12 0.93 8.07
N ARG A 43 4.23 1.30 8.71
CA ARG A 43 4.75 2.73 8.80
C ARG A 43 4.61 3.54 7.47
N SER A 44 5.06 3.02 6.35
CA SER A 44 4.99 3.77 5.02
C SER A 44 3.82 3.23 4.16
N LEU A 45 4.07 2.44 3.10
CA LEU A 45 2.99 1.82 2.28
C LEU A 45 2.34 2.80 1.33
N GLY A 46 2.44 2.47 0.07
CA GLY A 46 1.81 3.28 -1.03
C GLY A 46 0.38 2.76 -1.33
N ILE A 47 -0.02 1.67 -0.69
CA ILE A 47 -1.36 1.02 -0.91
C ILE A 47 -1.75 0.22 0.36
N ASP A 48 -1.37 0.70 1.54
CA ASP A 48 -1.64 -0.08 2.81
C ASP A 48 -1.01 -1.51 2.65
N TYR A 49 0.12 -1.54 1.93
CA TYR A 49 0.94 -2.78 1.59
C TYR A 49 0.58 -4.03 2.39
N LEU A 50 -0.01 -4.98 1.70
CA LEU A 50 -0.29 -6.31 2.31
C LEU A 50 1.12 -6.87 2.61
N ASP A 51 1.91 -6.91 1.53
CA ASP A 51 3.34 -7.31 1.50
C ASP A 51 3.58 -8.02 0.15
N ALA A 52 4.28 -7.36 -0.75
CA ALA A 52 4.54 -7.90 -2.14
C ALA A 52 5.92 -8.56 -2.25
N SER A 53 6.57 -8.87 -1.15
CA SER A 53 7.91 -9.50 -1.20
C SER A 53 7.83 -10.80 -0.38
N LEU A 54 7.43 -10.69 0.87
CA LEU A 54 7.23 -11.89 1.74
C LEU A 54 5.73 -12.30 1.69
N ARG A 55 4.82 -11.33 1.60
CA ARG A 55 3.32 -11.55 1.55
C ARG A 55 2.75 -11.98 2.93
N LYS A 56 3.60 -12.41 3.88
CA LYS A 56 3.16 -12.83 5.27
C LYS A 56 2.27 -14.11 5.22
N LYS A 57 1.16 -14.07 4.51
CA LYS A 57 0.23 -15.26 4.37
C LYS A 57 -0.80 -14.93 3.27
N ASN A 58 -0.39 -15.01 2.02
CA ASN A 58 -1.30 -14.66 0.89
C ASN A 58 -1.33 -15.79 -0.17
N LYS A 59 -2.43 -16.50 -0.24
CA LYS A 59 -2.60 -17.62 -1.24
C LYS A 59 -3.86 -17.35 -2.09
N GLN A 60 -5.05 -17.43 -1.49
CA GLN A 60 -6.32 -17.14 -2.24
C GLN A 60 -7.19 -16.15 -1.43
N ARG A 61 -6.65 -14.99 -1.11
CA ARG A 61 -7.40 -13.96 -0.29
C ARG A 61 -8.38 -13.09 -1.14
N LEU A 62 -8.44 -13.28 -2.47
CA LEU A 62 -9.35 -12.48 -3.38
C LEU A 62 -8.84 -11.04 -3.54
N LYS A 63 -8.87 -10.21 -2.51
CA LYS A 63 -8.39 -8.77 -2.63
C LYS A 63 -6.84 -8.69 -2.77
N ALA A 64 -6.35 -9.23 -3.87
CA ALA A 64 -4.89 -9.29 -4.20
C ALA A 64 -4.73 -10.20 -5.43
N ILE A 65 -5.30 -11.40 -5.36
CA ILE A 65 -5.24 -12.38 -6.52
C ILE A 65 -6.26 -12.00 -7.61
N GLN A 66 -7.42 -11.43 -7.27
CA GLN A 66 -8.44 -11.05 -8.31
C GLN A 66 -8.05 -9.72 -9.02
N GLN A 67 -7.39 -8.82 -8.33
CA GLN A 67 -6.97 -7.51 -8.96
C GLN A 67 -5.54 -7.59 -9.54
N GLY A 68 -4.65 -8.35 -8.91
CA GLY A 68 -3.25 -8.49 -9.43
C GLY A 68 -2.69 -9.87 -9.07
N ARG A 69 -1.59 -9.91 -8.33
CA ARG A 69 -0.96 -11.23 -7.92
C ARG A 69 0.15 -11.02 -6.86
N GLN A 70 0.93 -9.96 -6.95
CA GLN A 70 2.04 -9.71 -5.99
C GLN A 70 1.51 -8.80 -4.79
N PRO A 71 0.32 -9.17 -4.25
CA PRO A 71 -0.34 -8.37 -3.16
C PRO A 71 -0.88 -6.95 -3.53
N GLN A 72 -0.49 -5.88 -2.82
CA GLN A 72 -1.07 -4.50 -3.11
C GLN A 72 -0.13 -3.64 -3.97
N TYR A 73 1.11 -3.35 -3.50
CA TYR A 73 2.17 -2.54 -4.28
C TYR A 73 1.65 -1.19 -4.88
N LEU A 74 0.69 -1.22 -5.78
CA LEU A 74 0.09 0.02 -6.37
C LEU A 74 -1.41 -0.22 -6.68
N LEU A 75 -2.06 -1.10 -5.93
CA LEU A 75 -3.53 -1.42 -6.11
C LEU A 75 -4.11 -2.11 -4.85
N LEU A 1 -8.71 -5.95 4.14
CA LEU A 1 -9.18 -5.73 5.53
C LEU A 1 -8.97 -4.25 5.90
N GLU A 2 -10.05 -3.58 6.30
CA GLU A 2 -10.04 -2.11 6.66
C GLU A 2 -8.74 -1.64 7.37
N ASP A 3 -8.11 -0.62 6.83
CA ASP A 3 -6.91 0.00 7.43
C ASP A 3 -7.40 1.03 8.44
N ARG A 4 -6.63 1.22 9.47
CA ARG A 4 -6.97 2.24 10.53
C ARG A 4 -7.02 3.68 9.94
N ARG A 5 -6.61 3.88 8.67
CA ARG A 5 -6.61 5.23 8.02
C ARG A 5 -5.76 6.20 8.87
N ILE A 6 -4.74 5.68 9.53
CA ILE A 6 -3.87 6.51 10.40
C ILE A 6 -3.02 7.53 9.59
N PRO A 7 -2.63 8.60 10.26
CA PRO A 7 -1.77 9.62 9.62
C PRO A 7 -0.27 9.22 9.68
N GLY A 8 0.59 10.17 9.95
CA GLY A 8 2.07 9.92 9.99
C GLY A 8 2.78 11.10 9.29
N THR A 9 2.11 11.73 8.32
CA THR A 9 2.69 12.89 7.59
C THR A 9 1.94 14.18 7.97
N ALA A 10 0.63 14.19 7.77
CA ALA A 10 -0.22 15.38 8.09
C ALA A 10 -1.70 15.00 7.85
N GLU A 11 -2.60 15.59 8.60
CA GLU A 11 -4.07 15.29 8.44
C GLU A 11 -4.53 15.80 7.05
N GLU A 12 -4.52 14.91 6.06
CA GLU A 12 -4.88 15.26 4.64
C GLU A 12 -3.88 16.30 4.08
N ASN A 13 -2.85 15.82 3.42
CA ASN A 13 -1.82 16.73 2.82
C ASN A 13 -1.75 16.49 1.30
N LEU A 14 -2.90 16.48 0.72
CA LEU A 14 -3.07 16.26 -0.76
C LEU A 14 -3.45 17.60 -1.41
N GLN A 15 -4.55 18.20 -1.00
CA GLN A 15 -4.98 19.53 -1.55
C GLN A 15 -4.32 20.68 -0.75
N LYS A 16 -4.15 20.52 0.56
CA LYS A 16 -3.50 21.59 1.40
C LYS A 16 -2.06 21.84 0.93
N SER A 17 -1.25 20.80 0.86
CA SER A 17 0.17 20.93 0.38
C SER A 17 0.27 20.49 -1.10
N SER A 18 -0.65 20.96 -1.93
CA SER A 18 -0.65 20.59 -3.39
C SER A 18 0.34 21.50 -4.16
N GLY A 19 0.28 22.80 -3.94
CA GLY A 19 1.21 23.76 -4.65
C GLY A 19 0.61 24.15 -6.01
N GLY A 20 0.43 23.19 -6.90
CA GLY A 20 -0.13 23.47 -8.26
C GLY A 20 -0.15 22.19 -9.10
N VAL A 21 0.97 21.50 -9.20
CA VAL A 21 1.05 20.22 -9.98
C VAL A 21 2.30 19.41 -9.53
N PRO A 22 2.05 18.23 -8.97
CA PRO A 22 3.20 17.39 -8.51
C PRO A 22 3.36 16.18 -9.45
N GLY A 23 2.35 15.32 -9.53
CA GLY A 23 2.41 14.11 -10.42
C GLY A 23 3.42 13.10 -9.89
N GLN A 24 3.23 12.60 -8.68
CA GLN A 24 4.19 11.60 -8.09
C GLN A 24 3.89 10.13 -8.52
N ASN A 25 3.04 9.94 -9.49
CA ASN A 25 2.71 8.57 -10.01
C ASN A 25 3.40 8.29 -11.37
N THR A 26 4.21 9.21 -11.88
CA THR A 26 4.93 9.01 -13.19
C THR A 26 5.80 7.73 -13.18
N GLY A 27 6.20 7.25 -12.01
CA GLY A 27 7.04 6.00 -11.92
C GLY A 27 6.24 4.86 -11.28
N GLY A 28 4.95 4.76 -11.57
CA GLY A 28 4.10 3.67 -10.96
C GLY A 28 2.89 3.36 -11.88
N GLN A 29 2.85 2.15 -12.42
CA GLN A 29 1.68 1.76 -13.30
C GLN A 29 0.54 1.26 -12.40
N GLU A 30 0.71 0.11 -11.77
CA GLU A 30 -0.34 -0.43 -10.83
C GLU A 30 0.10 -0.21 -9.34
N ALA A 31 1.17 0.57 -9.11
CA ALA A 31 1.69 0.82 -7.71
C ALA A 31 2.07 -0.56 -7.07
N ARG A 32 1.87 -0.75 -5.76
CA ARG A 32 2.21 -2.06 -5.09
C ARG A 32 3.76 -2.46 -5.31
N PRO A 33 4.69 -1.96 -4.45
CA PRO A 33 6.13 -2.40 -4.63
C PRO A 33 6.89 -2.61 -3.29
N ASN A 34 7.70 -1.66 -2.80
CA ASN A 34 8.41 -1.90 -1.49
C ASN A 34 8.05 -0.92 -0.38
N TYR A 35 7.17 0.00 -0.67
CA TYR A 35 6.50 0.90 0.33
C TYR A 35 6.48 0.27 1.78
N HIS A 36 6.05 -0.96 1.83
CA HIS A 36 5.98 -1.90 3.03
C HIS A 36 6.28 -3.36 2.46
N CYS A 37 7.02 -3.42 1.38
CA CYS A 37 7.36 -4.65 0.56
C CYS A 37 6.16 -5.59 0.39
N GLN A 38 5.12 -4.97 -0.18
CA GLN A 38 3.74 -5.55 -0.44
C GLN A 38 3.38 -6.59 0.60
N LEU A 39 3.73 -6.31 1.86
CA LEU A 39 3.52 -7.26 3.01
C LEU A 39 3.50 -6.50 4.32
N CYS A 40 4.54 -5.70 4.54
CA CYS A 40 4.63 -4.84 5.75
C CYS A 40 3.31 -3.99 5.85
N PHE A 41 2.64 -3.74 4.68
CA PHE A 41 1.35 -3.00 4.53
C PHE A 41 0.92 -2.27 5.84
N LEU A 42 1.64 -1.20 6.17
CA LEU A 42 1.33 -0.38 7.38
C LEU A 42 0.94 1.05 6.96
N ARG A 43 1.85 1.78 6.31
CA ARG A 43 1.54 3.19 5.86
C ARG A 43 1.82 3.33 4.35
N SER A 44 0.87 2.88 3.55
CA SER A 44 0.93 2.91 2.02
C SER A 44 -0.27 2.06 1.55
N LEU A 45 -0.07 0.79 1.17
CA LEU A 45 -1.15 -0.17 0.86
C LEU A 45 -1.81 0.14 -0.48
N GLY A 46 -2.47 1.26 -0.56
CA GLY A 46 -3.20 1.62 -1.82
C GLY A 46 -4.72 1.45 -1.59
N ILE A 47 -5.05 0.52 -0.72
CA ILE A 47 -6.46 0.17 -0.38
C ILE A 47 -6.43 -0.44 1.04
N ASP A 48 -7.48 -1.13 1.46
CA ASP A 48 -7.46 -1.84 2.79
C ASP A 48 -6.70 -3.17 2.52
N TYR A 49 -5.41 -3.04 2.24
CA TYR A 49 -4.54 -4.19 1.82
C TYR A 49 -4.36 -5.27 2.85
N LEU A 50 -3.83 -4.95 4.04
CA LEU A 50 -3.51 -6.07 5.01
C LEU A 50 -2.46 -6.90 4.20
N ASP A 51 -2.66 -8.19 3.97
CA ASP A 51 -1.76 -8.95 3.09
C ASP A 51 -2.48 -10.27 2.73
N ALA A 52 -3.34 -10.23 1.72
CA ALA A 52 -4.09 -11.47 1.28
C ALA A 52 -3.25 -12.26 0.25
N SER A 53 -1.96 -12.24 0.40
CA SER A 53 -1.03 -12.97 -0.51
C SER A 53 -0.13 -13.82 0.38
N LEU A 54 0.56 -13.18 1.30
CA LEU A 54 1.44 -13.88 2.25
C LEU A 54 0.93 -13.77 3.72
N ARG A 55 -0.32 -13.28 3.92
CA ARG A 55 -1.00 -13.11 5.29
C ARG A 55 -0.40 -14.05 6.35
N LYS A 56 -0.31 -15.33 6.02
CA LYS A 56 0.30 -16.35 6.94
C LYS A 56 1.85 -16.20 6.97
N LYS A 57 2.33 -15.17 7.66
CA LYS A 57 3.80 -14.82 7.77
C LYS A 57 4.20 -14.06 6.49
N ASN A 58 4.29 -12.75 6.62
CA ASN A 58 4.59 -11.85 5.44
C ASN A 58 6.08 -11.44 5.40
N LYS A 59 6.76 -11.36 6.53
CA LYS A 59 8.21 -10.95 6.55
C LYS A 59 9.10 -11.91 5.73
N GLN A 60 9.97 -11.35 4.89
CA GLN A 60 10.94 -12.13 4.02
C GLN A 60 10.23 -12.96 2.89
N ARG A 61 9.58 -12.28 1.94
CA ARG A 61 8.93 -12.99 0.79
C ARG A 61 9.08 -12.14 -0.52
N LEU A 62 8.09 -11.30 -0.89
CA LEU A 62 8.17 -10.45 -2.14
C LEU A 62 7.94 -11.32 -3.39
N LYS A 63 8.83 -12.27 -3.67
CA LYS A 63 8.65 -13.20 -4.84
C LYS A 63 7.55 -14.23 -4.46
N ALA A 64 6.31 -13.78 -4.43
CA ALA A 64 5.13 -14.62 -4.03
C ALA A 64 3.84 -13.77 -4.03
N ILE A 65 3.92 -12.49 -3.61
CA ILE A 65 2.70 -11.58 -3.59
C ILE A 65 1.99 -11.57 -4.98
N GLN A 66 2.73 -11.82 -6.05
CA GLN A 66 2.15 -11.86 -7.44
C GLN A 66 0.89 -12.79 -7.53
N GLN A 67 0.77 -13.80 -6.66
CA GLN A 67 -0.42 -14.74 -6.67
C GLN A 67 -1.76 -13.96 -6.78
N GLY A 68 -1.92 -12.88 -6.01
CA GLY A 68 -3.19 -12.05 -6.09
C GLY A 68 -2.94 -10.75 -6.88
N ARG A 69 -1.67 -10.40 -7.20
CA ARG A 69 -1.32 -9.11 -7.92
C ARG A 69 -1.50 -7.94 -6.93
N GLN A 70 -2.72 -7.71 -6.48
CA GLN A 70 -3.01 -6.67 -5.44
C GLN A 70 -4.00 -7.26 -4.37
N PRO A 71 -3.81 -8.55 -4.04
CA PRO A 71 -4.70 -9.32 -3.08
C PRO A 71 -5.25 -8.48 -1.90
N GLN A 72 -6.48 -8.77 -1.52
CA GLN A 72 -7.22 -8.06 -0.43
C GLN A 72 -7.90 -6.82 -1.00
N TYR A 73 -7.19 -6.07 -1.82
CA TYR A 73 -7.78 -4.85 -2.50
C TYR A 73 -8.42 -3.95 -1.39
N LEU A 74 -9.66 -3.53 -1.51
CA LEU A 74 -10.28 -2.70 -0.42
C LEU A 74 -11.31 -3.59 0.36
N LEU A 75 -11.03 -4.89 0.49
CA LEU A 75 -11.98 -5.81 1.21
C LEU A 75 -11.30 -6.40 2.46
#